data_8W2C
#
_entry.id   8W2C
#
_cell.length_a   47.096
_cell.length_b   83.190
_cell.length_c   69.380
_cell.angle_alpha   90.000
_cell.angle_beta   101.361
_cell.angle_gamma   90.000
#
_symmetry.space_group_name_H-M   'P 1 21 1'
#
loop_
_entity.id
_entity.type
_entity.pdbx_description
1 polymer 'Non-ribosomal peptide synthetase'
2 non-polymer 1,2-ETHANEDIOL
3 non-polymer 'SODIUM ION'
4 water water
#
_entity_poly.entity_id   1
_entity_poly.type   'polypeptide(L)'
_entity_poly.pdbx_seq_one_letter_code
;GSSHHHHHHSSGLVPRGSHMASEESSSIVLMAGDPATAKAVVVCVANAAGGPVNFVDMSRAMPEQASDVAMFGVKLPRTE
VDSDGAMLEEVRRLSNAVCDDLLAATDLPAIVFAQCNGSALALAITRELVRRSADVRALCIGGALMRTVTGKRDTRTDDE
ILAFLGKAGSTLPAQPDEQAFFLHDFRYDGWLADVYYNHLVDLMSRGALEVVDIPVWCLVGSEDPLVPNYPVRFQDWSHI
GRPVQLVEYAGIGHYLLRDCPEAIARAVGSVWEHVSCKGVTA
;
_entity_poly.pdbx_strand_id   A,B
#
# COMPACT_ATOMS: atom_id res chain seq x y z
N SER A 25 -10.08 -6.29 -35.80
CA SER A 25 -11.08 -5.22 -35.87
C SER A 25 -11.74 -4.98 -34.51
N SER A 26 -11.43 -5.86 -33.55
CA SER A 26 -11.97 -5.70 -32.20
C SER A 26 -11.20 -4.61 -31.46
N SER A 27 -11.89 -3.94 -30.55
CA SER A 27 -11.26 -2.89 -29.75
C SER A 27 -10.53 -3.41 -28.53
N ILE A 28 -10.60 -4.72 -28.26
CA ILE A 28 -9.95 -5.33 -27.10
C ILE A 28 -9.21 -6.59 -27.54
N VAL A 29 -8.28 -7.03 -26.70
CA VAL A 29 -7.47 -8.21 -26.96
C VAL A 29 -7.35 -9.01 -25.66
N LEU A 30 -7.69 -10.29 -25.73
CA LEU A 30 -7.53 -11.18 -24.59
C LEU A 30 -6.05 -11.40 -24.33
N MET A 31 -5.60 -11.10 -23.12
CA MET A 31 -4.20 -11.25 -22.77
C MET A 31 -3.97 -12.28 -21.69
N ALA A 32 -4.98 -12.62 -20.90
CA ALA A 32 -4.74 -13.69 -19.93
C ALA A 32 -6.05 -14.36 -19.57
N GLY A 33 -5.94 -15.61 -19.12
CA GLY A 33 -7.10 -16.36 -18.73
C GLY A 33 -7.92 -16.79 -19.93
N ASP A 34 -9.12 -17.31 -19.59
CA ASP A 34 -10.06 -17.84 -20.56
C ASP A 34 -11.45 -17.47 -20.07
N PRO A 35 -12.18 -16.61 -20.77
CA PRO A 35 -13.51 -16.23 -20.26
C PRO A 35 -14.47 -17.39 -20.16
N ALA A 36 -14.18 -18.53 -20.78
CA ALA A 36 -15.05 -19.68 -20.65
C ALA A 36 -14.99 -20.30 -19.27
N THR A 37 -13.92 -20.05 -18.51
CA THR A 37 -13.75 -20.64 -17.20
C THR A 37 -13.55 -19.62 -16.08
N ALA A 38 -13.32 -18.34 -16.40
CA ALA A 38 -13.00 -17.37 -15.38
C ALA A 38 -14.22 -17.02 -14.55
N LYS A 39 -13.98 -16.46 -13.37
CA LYS A 39 -15.04 -15.92 -12.51
C LYS A 39 -15.21 -14.42 -12.67
N ALA A 40 -14.24 -13.73 -13.26
CA ALA A 40 -14.35 -12.29 -13.47
C ALA A 40 -13.43 -11.90 -14.61
N VAL A 41 -13.55 -10.64 -15.03
CA VAL A 41 -12.76 -10.11 -16.14
C VAL A 41 -12.25 -8.73 -15.74
N VAL A 42 -11.07 -8.38 -16.22
CA VAL A 42 -10.52 -7.05 -16.03
C VAL A 42 -10.18 -6.48 -17.41
N VAL A 43 -10.62 -5.26 -17.66
CA VAL A 43 -10.38 -4.58 -18.93
C VAL A 43 -9.46 -3.40 -18.64
N CYS A 44 -8.37 -3.28 -19.39
CA CYS A 44 -7.21 -2.50 -18.99
C CYS A 44 -6.84 -1.43 -20.01
N VAL A 45 -6.75 -0.19 -19.54
CA VAL A 45 -6.35 0.95 -20.35
C VAL A 45 -4.92 1.37 -19.99
N ALA A 46 -4.08 1.46 -21.01
CA ALA A 46 -2.66 1.73 -20.83
C ALA A 46 -2.35 3.19 -20.51
N ASN A 47 -1.11 3.39 -20.04
CA ASN A 47 -0.55 4.68 -19.78
C ASN A 47 -0.41 5.50 -21.06
N ALA A 48 -0.06 6.77 -20.87
CA ALA A 48 0.15 7.70 -21.98
C ALA A 48 1.14 7.11 -22.98
N ALA A 49 0.72 7.16 -24.26
CA ALA A 49 1.48 6.66 -25.39
C ALA A 49 1.59 5.13 -25.40
N GLY A 50 0.92 4.45 -24.48
CA GLY A 50 1.03 3.01 -24.36
C GLY A 50 -0.07 2.27 -25.09
N GLY A 51 -0.19 0.98 -24.76
CA GLY A 51 -1.24 0.14 -25.29
C GLY A 51 -1.17 -1.24 -24.66
N PRO A 52 -1.88 -2.21 -25.22
CA PRO A 52 -1.84 -3.58 -24.64
C PRO A 52 -0.45 -4.13 -24.40
N VAL A 53 0.54 -3.76 -25.22
CA VAL A 53 1.89 -4.28 -25.01
C VAL A 53 2.38 -3.91 -23.61
N ASN A 54 2.02 -2.72 -23.11
CA ASN A 54 2.46 -2.31 -21.79
C ASN A 54 1.94 -3.22 -20.68
N PHE A 55 0.96 -4.06 -20.99
CA PHE A 55 0.38 -4.97 -20.01
C PHE A 55 0.96 -6.39 -20.11
N VAL A 56 1.87 -6.65 -21.04
CA VAL A 56 2.33 -8.03 -21.24
C VAL A 56 2.82 -8.62 -19.92
N ASP A 57 3.78 -7.95 -19.28
CA ASP A 57 4.34 -8.51 -18.05
C ASP A 57 3.25 -8.75 -17.01
N MET A 58 2.34 -7.77 -16.85
CA MET A 58 1.25 -7.94 -15.90
C MET A 58 0.41 -9.16 -16.26
N SER A 59 0.11 -9.32 -17.54
CA SER A 59 -0.72 -10.45 -17.93
C SER A 59 -0.03 -11.76 -17.59
N ARG A 60 1.29 -11.81 -17.74
CA ARG A 60 2.00 -13.06 -17.46
C ARG A 60 1.94 -13.41 -16.00
N ALA A 61 1.67 -12.44 -15.13
CA ALA A 61 1.56 -12.72 -13.71
C ALA A 61 0.14 -13.10 -13.29
N MET A 62 -0.85 -12.85 -14.14
CA MET A 62 -2.24 -13.00 -13.71
C MET A 62 -2.58 -14.44 -13.31
N PRO A 63 -2.14 -15.49 -14.02
CA PRO A 63 -2.57 -16.83 -13.64
C PRO A 63 -2.15 -17.20 -12.23
N GLU A 64 -1.04 -16.64 -11.73
CA GLU A 64 -0.55 -16.90 -10.38
C GLU A 64 -1.18 -15.97 -9.35
N GLN A 65 -1.29 -14.69 -9.66
CA GLN A 65 -1.71 -13.69 -8.68
C GLN A 65 -3.21 -13.45 -8.69
N ALA A 66 -3.90 -13.83 -9.76
CA ALA A 66 -5.30 -13.48 -9.96
C ALA A 66 -5.96 -14.58 -10.81
N SER A 67 -5.95 -15.81 -10.26
CA SER A 67 -6.24 -17.00 -11.04
C SER A 67 -7.60 -16.97 -11.69
N ASP A 68 -8.58 -16.38 -11.01
CA ASP A 68 -9.96 -16.46 -11.48
C ASP A 68 -10.33 -15.35 -12.46
N VAL A 69 -9.37 -14.49 -12.82
CA VAL A 69 -9.69 -13.25 -13.52
C VAL A 69 -9.03 -13.28 -14.89
N ALA A 70 -9.85 -13.26 -15.94
CA ALA A 70 -9.36 -13.11 -17.30
C ALA A 70 -9.11 -11.64 -17.60
N MET A 71 -8.20 -11.38 -18.53
CA MET A 71 -7.69 -10.03 -18.73
C MET A 71 -7.69 -9.64 -20.20
N PHE A 72 -8.31 -8.49 -20.48
CA PHE A 72 -8.36 -7.85 -21.78
C PHE A 72 -7.61 -6.52 -21.75
N GLY A 73 -6.85 -6.24 -22.80
CA GLY A 73 -6.24 -4.93 -23.00
C GLY A 73 -7.04 -4.15 -24.03
N VAL A 74 -7.18 -2.85 -23.79
CA VAL A 74 -7.89 -1.95 -24.71
C VAL A 74 -6.92 -1.44 -25.77
N LYS A 75 -7.29 -1.59 -27.04
CA LYS A 75 -6.52 -0.99 -28.12
C LYS A 75 -6.83 0.49 -28.23
N LEU A 76 -5.79 1.30 -28.40
CA LEU A 76 -5.94 2.73 -28.52
C LEU A 76 -5.71 3.14 -29.97
N PRO A 77 -6.77 3.38 -30.76
CA PRO A 77 -6.57 3.72 -32.17
C PRO A 77 -6.11 5.15 -32.40
N ARG A 78 -6.27 6.04 -31.43
CA ARG A 78 -5.86 7.42 -31.53
C ARG A 78 -6.43 8.03 -32.79
N THR A 79 -7.75 7.88 -32.92
CA THR A 79 -8.49 8.39 -34.06
C THR A 79 -8.25 9.88 -34.25
N GLU A 80 -7.96 10.28 -35.49
CA GLU A 80 -7.74 11.67 -35.77
C GLU A 80 -9.01 12.45 -35.51
N VAL A 81 -8.89 13.57 -34.81
CA VAL A 81 -10.02 14.45 -34.49
C VAL A 81 -9.52 15.88 -34.62
N ASP A 82 -10.47 16.79 -34.90
CA ASP A 82 -10.12 18.16 -35.27
C ASP A 82 -10.59 19.21 -34.28
N SER A 83 -11.15 18.81 -33.14
CA SER A 83 -11.59 19.79 -32.15
C SER A 83 -11.81 19.09 -30.83
N ASP A 84 -11.92 19.89 -29.76
CA ASP A 84 -12.21 19.34 -28.44
C ASP A 84 -13.56 18.63 -28.46
N GLY A 85 -14.54 19.19 -29.17
CA GLY A 85 -15.81 18.51 -29.31
C GLY A 85 -15.69 17.15 -29.98
N ALA A 86 -14.90 17.09 -31.06
CA ALA A 86 -14.70 15.81 -31.74
C ALA A 86 -13.91 14.85 -30.88
N MET A 87 -13.00 15.36 -30.06
CA MET A 87 -12.30 14.46 -29.17
C MET A 87 -13.26 13.84 -28.17
N LEU A 88 -14.16 14.64 -27.60
CA LEU A 88 -15.13 14.08 -26.66
C LEU A 88 -16.04 13.06 -27.36
N GLU A 89 -16.49 13.38 -28.59
CA GLU A 89 -17.24 12.39 -29.37
C GLU A 89 -16.43 11.09 -29.53
N GLU A 90 -15.12 11.21 -29.76
CA GLU A 90 -14.30 10.03 -29.94
C GLU A 90 -14.16 9.24 -28.65
N VAL A 91 -14.05 9.91 -27.51
CA VAL A 91 -14.01 9.18 -26.26
C VAL A 91 -15.27 8.35 -26.10
N ARG A 92 -16.42 8.95 -26.44
CA ARG A 92 -17.69 8.23 -26.34
C ARG A 92 -17.73 7.05 -27.31
N ARG A 93 -17.33 7.27 -28.56
CA ARG A 93 -17.29 6.19 -29.53
C ARG A 93 -16.41 5.03 -29.03
N LEU A 94 -15.22 5.35 -28.53
CA LEU A 94 -14.26 4.31 -28.17
C LEU A 94 -14.71 3.56 -26.94
N SER A 95 -15.22 4.27 -25.93
CA SER A 95 -15.76 3.61 -24.75
C SER A 95 -16.95 2.72 -25.12
N ASN A 96 -17.82 3.19 -26.03
CA ASN A 96 -18.95 2.36 -26.44
C ASN A 96 -18.49 1.13 -27.20
N ALA A 97 -17.46 1.27 -28.04
CA ALA A 97 -16.94 0.11 -28.77
C ALA A 97 -16.34 -0.91 -27.81
N VAL A 98 -15.62 -0.43 -26.79
CA VAL A 98 -15.05 -1.34 -25.80
C VAL A 98 -16.15 -2.07 -25.03
N CYS A 99 -17.19 -1.34 -24.61
CA CYS A 99 -18.29 -2.01 -23.93
C CYS A 99 -18.99 -3.02 -24.84
N ASP A 100 -19.20 -2.64 -26.11
CA ASP A 100 -19.78 -3.57 -27.08
C ASP A 100 -18.98 -4.87 -27.13
N ASP A 101 -17.67 -4.75 -27.35
CA ASP A 101 -16.84 -5.94 -27.52
C ASP A 101 -16.74 -6.75 -26.23
N LEU A 102 -16.61 -6.08 -25.09
CA LEU A 102 -16.49 -6.78 -23.82
C LEU A 102 -17.75 -7.57 -23.53
N LEU A 103 -18.92 -6.92 -23.65
CA LEU A 103 -20.16 -7.63 -23.34
C LEU A 103 -20.48 -8.68 -24.39
N ALA A 104 -20.02 -8.47 -25.63
CA ALA A 104 -20.17 -9.53 -26.62
C ALA A 104 -19.30 -10.74 -26.27
N ALA A 105 -18.16 -10.51 -25.61
CA ALA A 105 -17.26 -11.60 -25.24
C ALA A 105 -17.63 -12.29 -23.93
N THR A 106 -18.19 -11.57 -22.96
CA THR A 106 -18.39 -12.16 -21.65
C THR A 106 -19.50 -11.47 -20.88
N ASP A 107 -20.17 -12.23 -20.03
CA ASP A 107 -21.16 -11.74 -19.09
C ASP A 107 -20.58 -11.61 -17.69
N LEU A 108 -19.30 -11.92 -17.51
CA LEU A 108 -18.72 -12.02 -16.18
C LEU A 108 -18.66 -10.66 -15.49
N PRO A 109 -18.61 -10.67 -14.15
CA PRO A 109 -18.40 -9.42 -13.42
C PRO A 109 -17.08 -8.78 -13.84
N ALA A 110 -17.10 -7.46 -13.99
CA ALA A 110 -16.00 -6.74 -14.62
C ALA A 110 -15.34 -5.75 -13.67
N ILE A 111 -14.02 -5.71 -13.76
CA ILE A 111 -13.19 -4.70 -13.14
C ILE A 111 -12.58 -3.88 -14.25
N VAL A 112 -12.57 -2.57 -14.08
CA VAL A 112 -11.94 -1.67 -15.04
C VAL A 112 -10.65 -1.16 -14.43
N PHE A 113 -9.55 -1.34 -15.16
CA PHE A 113 -8.24 -0.91 -14.69
C PHE A 113 -7.68 0.12 -15.66
N ALA A 114 -7.02 1.14 -15.13
CA ALA A 114 -6.26 2.08 -15.96
C ALA A 114 -5.00 2.50 -15.23
N GLN A 115 -3.96 2.77 -16.03
CA GLN A 115 -2.73 3.39 -15.55
C GLN A 115 -2.60 4.84 -16.07
N CYS A 116 -2.31 5.77 -15.16
CA CYS A 116 -2.05 7.18 -15.49
CA CYS A 116 -2.12 7.20 -15.41
C CYS A 116 -3.16 7.70 -16.42
N ASN A 117 -2.78 8.23 -17.60
CA ASN A 117 -3.71 8.93 -18.50
C ASN A 117 -4.83 8.04 -19.00
N GLY A 118 -4.61 6.72 -19.04
CA GLY A 118 -5.71 5.84 -19.42
C GLY A 118 -6.91 5.97 -18.52
N SER A 119 -6.74 6.63 -17.36
CA SER A 119 -7.84 6.76 -16.43
C SER A 119 -9.01 7.46 -17.12
N ALA A 120 -8.72 8.43 -18.00
CA ALA A 120 -9.85 9.13 -18.64
C ALA A 120 -10.74 8.13 -19.35
N LEU A 121 -10.16 7.32 -20.27
CA LEU A 121 -11.00 6.40 -21.00
C LEU A 121 -11.62 5.37 -20.04
N ALA A 122 -10.90 5.01 -18.97
CA ALA A 122 -11.43 4.04 -18.04
C ALA A 122 -12.69 4.57 -17.39
N LEU A 123 -12.66 5.84 -16.97
CA LEU A 123 -13.86 6.44 -16.40
C LEU A 123 -15.00 6.38 -17.40
N ALA A 124 -14.70 6.70 -18.66
CA ALA A 124 -15.79 6.69 -19.65
C ALA A 124 -16.36 5.28 -19.75
N ILE A 125 -15.45 4.29 -19.81
CA ILE A 125 -15.89 2.91 -19.95
C ILE A 125 -16.75 2.55 -18.75
N THR A 126 -16.26 2.90 -17.56
CA THR A 126 -17.00 2.53 -16.36
C THR A 126 -18.40 3.14 -16.43
N ARG A 127 -18.48 4.42 -16.77
CA ARG A 127 -19.78 5.07 -16.74
C ARG A 127 -20.72 4.42 -17.76
N GLU A 128 -20.20 4.06 -18.92
CA GLU A 128 -21.07 3.43 -19.93
C GLU A 128 -21.52 2.06 -19.45
N LEU A 129 -20.61 1.32 -18.81
CA LEU A 129 -21.01 0.01 -18.28
C LEU A 129 -22.13 0.18 -17.26
N VAL A 130 -22.05 1.24 -16.43
CA VAL A 130 -23.10 1.46 -15.45
C VAL A 130 -24.39 1.83 -16.16
N ARG A 131 -24.28 2.62 -17.24
CA ARG A 131 -25.49 3.05 -17.95
C ARG A 131 -26.20 1.87 -18.58
N ARG A 132 -25.45 0.82 -18.95
CA ARG A 132 -25.99 -0.38 -19.56
C ARG A 132 -26.42 -1.43 -18.54
N SER A 133 -26.37 -1.11 -17.25
CA SER A 133 -26.69 -2.08 -16.21
C SER A 133 -25.83 -3.33 -16.31
N ALA A 134 -24.61 -3.18 -16.80
CA ALA A 134 -23.66 -4.26 -16.82
C ALA A 134 -23.13 -4.54 -15.41
N ASP A 135 -22.58 -5.73 -15.23
CA ASP A 135 -22.08 -6.17 -13.92
C ASP A 135 -20.62 -5.71 -13.75
N VAL A 136 -20.48 -4.39 -13.63
CA VAL A 136 -19.20 -3.75 -13.35
C VAL A 136 -19.13 -3.54 -11.84
N ARG A 137 -18.02 -3.94 -11.22
CA ARG A 137 -17.94 -4.00 -9.78
C ARG A 137 -16.82 -3.20 -9.15
N ALA A 138 -15.86 -2.70 -9.92
CA ALA A 138 -14.76 -1.95 -9.34
C ALA A 138 -14.05 -1.16 -10.42
N LEU A 139 -13.45 -0.06 -10.00
CA LEU A 139 -12.57 0.76 -10.83
C LEU A 139 -11.22 0.82 -10.12
N CYS A 140 -10.17 0.44 -10.79
CA CYS A 140 -8.81 0.42 -10.21
C CYS A 140 -7.90 1.28 -11.07
N ILE A 141 -7.33 2.33 -10.48
CA ILE A 141 -6.56 3.33 -11.19
C ILE A 141 -5.17 3.44 -10.58
N GLY A 142 -4.14 3.22 -11.39
CA GLY A 142 -2.76 3.38 -10.96
C GLY A 142 -2.19 4.72 -11.39
N GLY A 143 -1.45 5.34 -10.47
CA GLY A 143 -0.65 6.52 -10.80
C GLY A 143 -1.45 7.70 -11.29
N ALA A 144 -2.65 7.92 -10.76
CA ALA A 144 -3.50 9.03 -11.19
C ALA A 144 -4.43 9.44 -10.06
N LEU A 145 -4.73 10.74 -10.03
CA LEU A 145 -5.69 11.36 -9.13
C LEU A 145 -6.84 11.95 -9.95
N MET A 146 -8.00 12.07 -9.32
CA MET A 146 -9.13 12.73 -9.96
C MET A 146 -8.79 14.19 -10.24
N ARG A 147 -9.21 14.69 -11.41
CA ARG A 147 -9.00 16.09 -11.74
C ARG A 147 -10.26 16.85 -11.42
N THR A 148 -10.12 17.92 -10.64
CA THR A 148 -11.26 18.70 -10.19
C THR A 148 -11.18 20.16 -10.66
N VAL A 149 -10.21 20.48 -11.51
CA VAL A 149 -10.07 21.81 -12.11
C VAL A 149 -9.79 21.66 -13.60
N THR A 150 -10.24 22.64 -14.38
CA THR A 150 -9.93 22.68 -15.80
C THR A 150 -8.41 22.67 -16.00
N GLY A 151 -7.95 21.85 -16.95
CA GLY A 151 -6.54 21.62 -17.12
C GLY A 151 -5.89 22.60 -18.04
N LYS A 152 -4.57 22.47 -18.13
CA LYS A 152 -3.75 23.31 -19.00
C LYS A 152 -3.34 22.47 -20.19
N ARG A 153 -3.50 23.01 -21.40
CA ARG A 153 -2.99 22.33 -22.57
C ARG A 153 -1.46 22.21 -22.49
N ASP A 154 -0.90 21.23 -23.20
CA ASP A 154 0.54 20.97 -23.20
C ASP A 154 1.15 21.76 -24.33
N THR A 155 1.87 22.83 -24.01
CA THR A 155 2.60 23.61 -25.01
C THR A 155 4.11 23.39 -24.94
N ARG A 156 4.56 22.38 -24.18
CA ARG A 156 5.96 22.06 -24.15
C ARG A 156 6.44 21.62 -25.53
N THR A 157 7.74 21.81 -25.77
CA THR A 157 8.38 21.26 -26.95
C THR A 157 8.61 19.74 -26.76
N ASP A 158 9.00 19.06 -27.84
CA ASP A 158 9.30 17.64 -27.72
C ASP A 158 10.47 17.40 -26.77
N ASP A 159 11.53 18.19 -26.89
CA ASP A 159 12.66 18.07 -25.97
C ASP A 159 12.27 18.34 -24.53
N GLU A 160 11.34 19.29 -24.30
CA GLU A 160 10.88 19.57 -22.95
C GLU A 160 10.12 18.38 -22.36
N ILE A 161 9.26 17.75 -23.18
CA ILE A 161 8.53 16.57 -22.74
C ILE A 161 9.50 15.43 -22.41
N LEU A 162 10.46 15.18 -23.29
CA LEU A 162 11.40 14.08 -23.07
C LEU A 162 12.24 14.33 -21.84
N ALA A 163 12.68 15.59 -21.62
CA ALA A 163 13.43 15.87 -20.39
C ALA A 163 12.58 15.65 -19.15
N PHE A 164 11.33 16.09 -19.17
CA PHE A 164 10.43 15.90 -18.04
C PHE A 164 10.19 14.42 -17.76
N LEU A 165 9.90 13.66 -18.81
CA LEU A 165 9.65 12.23 -18.64
C LEU A 165 10.89 11.50 -18.16
N GLY A 166 12.07 11.91 -18.66
CA GLY A 166 13.31 11.32 -18.18
C GLY A 166 13.50 11.58 -16.69
N LYS A 167 13.25 12.81 -16.24
CA LYS A 167 13.38 13.11 -14.82
C LYS A 167 12.41 12.28 -13.99
N ALA A 168 11.19 12.10 -14.50
CA ALA A 168 10.19 11.29 -13.82
C ALA A 168 10.49 9.79 -13.84
N GLY A 169 11.50 9.35 -14.59
CA GLY A 169 11.88 7.96 -14.64
C GLY A 169 11.30 7.14 -15.76
N SER A 170 10.76 7.79 -16.79
CA SER A 170 10.12 7.07 -17.87
C SER A 170 11.13 6.30 -18.73
N THR A 171 10.68 5.20 -19.30
CA THR A 171 11.37 4.59 -20.42
C THR A 171 11.10 5.39 -21.68
N LEU A 172 12.15 5.60 -22.47
CA LEU A 172 12.02 6.40 -23.68
C LEU A 172 12.72 5.73 -24.85
N PRO A 173 12.13 5.77 -26.04
CA PRO A 173 12.78 5.13 -27.20
C PRO A 173 14.06 5.87 -27.58
N ALA A 174 15.01 5.12 -28.13
CA ALA A 174 16.24 5.73 -28.65
C ALA A 174 16.18 6.00 -30.14
N GLN A 175 15.52 5.15 -30.91
CA GLN A 175 15.40 5.36 -32.35
C GLN A 175 14.55 6.59 -32.63
N PRO A 176 15.03 7.53 -33.44
CA PRO A 176 14.21 8.73 -33.73
C PRO A 176 12.82 8.37 -34.24
N ASP A 177 12.71 7.28 -35.01
CA ASP A 177 11.41 6.82 -35.47
C ASP A 177 10.47 6.59 -34.29
N GLU A 178 10.92 5.76 -33.36
CA GLU A 178 10.12 5.45 -32.19
C GLU A 178 9.87 6.71 -31.37
N GLN A 179 10.86 7.61 -31.29
CA GLN A 179 10.67 8.83 -30.53
C GLN A 179 9.53 9.66 -31.11
N ALA A 180 9.46 9.75 -32.44
CA ALA A 180 8.41 10.54 -33.07
C ALA A 180 7.05 9.91 -32.82
N PHE A 181 6.95 8.60 -32.99
CA PHE A 181 5.67 7.94 -32.74
C PHE A 181 5.24 8.11 -31.30
N PHE A 182 6.18 7.90 -30.36
CA PHE A 182 5.89 8.10 -28.94
C PHE A 182 5.39 9.50 -28.65
N LEU A 183 6.08 10.53 -29.13
CA LEU A 183 5.66 11.90 -28.84
C LEU A 183 4.28 12.19 -29.44
N HIS A 184 4.02 11.73 -30.66
CA HIS A 184 2.68 11.91 -31.22
C HIS A 184 1.61 11.29 -30.33
N ASP A 185 1.84 10.05 -29.90
CA ASP A 185 0.82 9.36 -29.12
C ASP A 185 0.68 9.98 -27.74
N PHE A 186 1.79 10.40 -27.14
CA PHE A 186 1.77 11.04 -25.83
C PHE A 186 0.94 12.32 -25.88
N ARG A 187 1.20 13.16 -26.89
CA ARG A 187 0.43 14.40 -27.03
C ARG A 187 -1.03 14.09 -27.25
N TYR A 188 -1.34 13.09 -28.07
CA TYR A 188 -2.74 12.74 -28.30
C TYR A 188 -3.44 12.31 -27.01
N ASP A 189 -2.79 11.42 -26.25
CA ASP A 189 -3.42 10.90 -25.05
C ASP A 189 -3.61 12.00 -24.04
N GLY A 190 -2.65 12.91 -23.93
CA GLY A 190 -2.82 14.01 -23.00
C GLY A 190 -3.97 14.92 -23.38
N TRP A 191 -4.12 15.17 -24.68
CA TRP A 191 -5.28 15.92 -25.17
C TRP A 191 -6.60 15.21 -24.82
N LEU A 192 -6.69 13.93 -25.15
CA LEU A 192 -7.90 13.18 -24.84
C LEU A 192 -8.23 13.27 -23.37
N ALA A 193 -7.26 13.03 -22.49
CA ALA A 193 -7.54 13.03 -21.06
C ALA A 193 -7.90 14.42 -20.56
N ASP A 194 -7.24 15.46 -21.06
CA ASP A 194 -7.61 16.82 -20.69
C ASP A 194 -9.04 17.14 -21.10
N VAL A 195 -9.42 16.79 -22.32
CA VAL A 195 -10.78 17.06 -22.79
C VAL A 195 -11.81 16.32 -21.92
N TYR A 196 -11.52 15.04 -21.64
CA TYR A 196 -12.52 14.25 -20.91
C TYR A 196 -12.67 14.74 -19.48
N TYR A 197 -11.55 14.95 -18.78
CA TYR A 197 -11.63 15.47 -17.42
C TYR A 197 -12.22 16.87 -17.38
N ASN A 198 -11.90 17.74 -18.37
CA ASN A 198 -12.55 19.03 -18.40
C ASN A 198 -14.07 18.87 -18.54
N HIS A 199 -14.50 17.88 -19.31
CA HIS A 199 -15.93 17.59 -19.41
C HIS A 199 -16.52 17.21 -18.06
N LEU A 200 -15.82 16.34 -17.34
CA LEU A 200 -16.29 15.93 -16.02
C LEU A 200 -16.33 17.10 -15.06
N VAL A 201 -15.35 18.00 -15.15
CA VAL A 201 -15.34 19.18 -14.29
C VAL A 201 -16.51 20.10 -14.63
N ASP A 202 -16.82 20.23 -15.91
CA ASP A 202 -18.01 20.99 -16.32
C ASP A 202 -19.27 20.38 -15.70
N LEU A 203 -19.44 19.07 -15.89
CA LEU A 203 -20.60 18.39 -15.32
C LEU A 203 -20.69 18.63 -13.83
N MET A 204 -19.55 18.47 -13.13
CA MET A 204 -19.56 18.66 -11.68
C MET A 204 -19.93 20.10 -11.32
N SER A 205 -19.49 21.07 -12.12
CA SER A 205 -19.84 22.45 -11.85
C SER A 205 -21.34 22.66 -11.92
N ARG A 206 -22.05 21.81 -12.66
CA ARG A 206 -23.51 21.89 -12.66
C ARG A 206 -24.18 20.84 -11.77
N GLY A 207 -23.41 20.11 -10.95
CA GLY A 207 -23.99 19.06 -10.15
C GLY A 207 -24.55 17.93 -10.99
N ALA A 208 -23.98 17.69 -12.17
CA ALA A 208 -24.55 16.78 -13.16
C ALA A 208 -23.73 15.51 -13.30
N LEU A 209 -22.68 15.37 -12.52
CA LEU A 209 -21.88 14.16 -12.47
C LEU A 209 -22.37 13.32 -11.29
N GLU A 210 -23.06 12.23 -11.59
CA GLU A 210 -23.54 11.33 -10.56
C GLU A 210 -22.38 10.46 -10.09
N VAL A 211 -22.24 10.32 -8.77
CA VAL A 211 -21.36 9.31 -8.23
C VAL A 211 -21.97 7.95 -8.50
N VAL A 212 -21.16 7.00 -8.96
CA VAL A 212 -21.65 5.64 -9.16
C VAL A 212 -21.29 4.80 -7.94
N ASP A 213 -22.14 3.82 -7.64
CA ASP A 213 -21.91 2.95 -6.48
C ASP A 213 -20.97 1.82 -6.92
N ILE A 214 -19.75 2.22 -7.23
CA ILE A 214 -18.70 1.32 -7.64
C ILE A 214 -17.50 1.69 -6.79
N PRO A 215 -16.92 0.75 -6.03
CA PRO A 215 -15.70 1.08 -5.28
C PRO A 215 -14.52 1.35 -6.20
N VAL A 216 -13.65 2.25 -5.72
CA VAL A 216 -12.50 2.73 -6.46
C VAL A 216 -11.24 2.42 -5.67
N TRP A 217 -10.26 1.83 -6.32
CA TRP A 217 -8.93 1.64 -5.76
C TRP A 217 -7.97 2.58 -6.49
N CYS A 218 -7.12 3.26 -5.74
CA CYS A 218 -6.07 4.14 -6.25
C CYS A 218 -4.74 3.51 -5.82
N LEU A 219 -3.97 3.05 -6.80
CA LEU A 219 -2.70 2.38 -6.56
C LEU A 219 -1.59 3.38 -6.89
N VAL A 220 -0.71 3.63 -5.93
CA VAL A 220 0.32 4.65 -6.12
C VAL A 220 1.67 4.12 -5.65
N GLY A 221 2.70 4.28 -6.48
CA GLY A 221 4.05 4.10 -5.99
C GLY A 221 4.41 5.25 -5.06
N SER A 222 4.98 4.92 -3.90
CA SER A 222 5.26 5.95 -2.89
C SER A 222 6.24 6.99 -3.41
N GLU A 223 7.06 6.65 -4.42
CA GLU A 223 8.02 7.59 -4.98
C GLU A 223 7.53 8.23 -6.29
N ASP A 224 6.27 8.07 -6.61
CA ASP A 224 5.69 8.64 -7.84
C ASP A 224 5.70 10.15 -7.73
N PRO A 225 6.44 10.86 -8.58
CA PRO A 225 6.50 12.33 -8.47
C PRO A 225 5.36 13.06 -9.16
N LEU A 226 4.47 12.37 -9.88
CA LEU A 226 3.43 12.99 -10.68
C LEU A 226 2.07 13.04 -9.98
N VAL A 227 1.95 12.51 -8.75
CA VAL A 227 0.68 12.58 -8.03
C VAL A 227 0.89 13.31 -6.70
N PRO A 228 1.10 14.62 -6.75
CA PRO A 228 1.46 15.35 -5.52
C PRO A 228 0.35 15.27 -4.49
N ASN A 229 0.75 15.01 -3.24
CA ASN A 229 -0.15 15.00 -2.10
C ASN A 229 -1.24 13.96 -2.26
N TYR A 230 -0.93 12.86 -2.97
CA TYR A 230 -1.87 11.76 -3.11
C TYR A 230 -2.40 11.23 -1.78
N PRO A 231 -1.64 11.26 -0.66
CA PRO A 231 -2.22 10.73 0.59
C PRO A 231 -3.46 11.46 1.03
N VAL A 232 -3.64 12.72 0.60
CA VAL A 232 -4.86 13.46 0.83
C VAL A 232 -5.75 13.46 -0.42
N ARG A 233 -5.16 13.71 -1.59
CA ARG A 233 -5.93 13.94 -2.79
C ARG A 233 -6.53 12.67 -3.37
N PHE A 234 -6.07 11.47 -2.94
CA PHE A 234 -6.66 10.27 -3.51
C PHE A 234 -8.16 10.22 -3.26
N GLN A 235 -8.62 10.82 -2.17
CA GLN A 235 -10.02 10.79 -1.80
C GLN A 235 -10.88 11.52 -2.82
N ASP A 236 -10.29 12.31 -3.71
CA ASP A 236 -11.08 13.00 -4.72
C ASP A 236 -11.73 12.05 -5.71
N TRP A 237 -11.25 10.80 -5.77
CA TRP A 237 -11.95 9.80 -6.59
C TRP A 237 -13.40 9.59 -6.14
N SER A 238 -13.80 10.11 -4.97
CA SER A 238 -15.16 9.96 -4.53
C SER A 238 -16.13 10.81 -5.34
N HIS A 239 -15.64 11.70 -6.21
CA HIS A 239 -16.49 12.34 -7.20
C HIS A 239 -16.98 11.34 -8.24
N ILE A 240 -16.32 10.18 -8.33
CA ILE A 240 -16.61 9.18 -9.33
C ILE A 240 -17.34 7.98 -8.73
N GLY A 241 -16.79 7.40 -7.67
CA GLY A 241 -17.37 6.23 -7.04
C GLY A 241 -17.00 6.23 -5.57
N ARG A 242 -17.55 5.27 -4.84
CA ARG A 242 -17.30 5.18 -3.41
C ARG A 242 -17.51 3.75 -2.99
N PRO A 243 -16.85 3.28 -1.91
CA PRO A 243 -15.79 3.99 -1.17
C PRO A 243 -14.50 3.99 -1.95
N VAL A 244 -13.52 4.78 -1.52
CA VAL A 244 -12.25 4.91 -2.22
C VAL A 244 -11.16 4.32 -1.35
N GLN A 245 -10.32 3.48 -1.93
CA GLN A 245 -9.24 2.82 -1.22
C GLN A 245 -7.91 3.20 -1.86
N LEU A 246 -6.94 3.57 -1.02
CA LEU A 246 -5.55 3.81 -1.44
C LEU A 246 -4.66 2.63 -1.06
N VAL A 247 -3.85 2.19 -2.01
CA VAL A 247 -2.77 1.22 -1.75
C VAL A 247 -1.44 1.79 -2.22
N GLU A 248 -0.46 1.84 -1.34
CA GLU A 248 0.87 2.36 -1.66
C GLU A 248 1.85 1.24 -1.94
N TYR A 249 2.65 1.41 -3.00
CA TYR A 249 3.72 0.49 -3.36
C TYR A 249 5.04 1.14 -3.03
N ALA A 250 5.61 0.77 -1.89
CA ALA A 250 6.80 1.41 -1.38
C ALA A 250 7.97 1.23 -2.36
N GLY A 251 8.75 2.28 -2.52
CA GLY A 251 9.94 2.21 -3.32
C GLY A 251 9.72 2.23 -4.82
N ILE A 252 8.47 2.40 -5.27
CA ILE A 252 8.16 2.37 -6.68
C ILE A 252 7.76 3.77 -7.08
N GLY A 253 8.13 4.15 -8.30
CA GLY A 253 7.73 5.42 -8.88
C GLY A 253 6.42 5.34 -9.61
N HIS A 254 6.33 6.11 -10.68
CA HIS A 254 5.09 6.27 -11.44
C HIS A 254 4.78 5.09 -12.35
N TYR A 255 5.77 4.29 -12.74
CA TYR A 255 5.60 3.33 -13.83
C TYR A 255 5.32 1.94 -13.26
N LEU A 256 4.10 1.80 -12.75
CA LEU A 256 3.74 0.58 -12.02
C LEU A 256 3.74 -0.65 -12.93
N LEU A 257 3.31 -0.46 -14.19
CA LEU A 257 3.23 -1.62 -15.09
C LEU A 257 4.60 -2.13 -15.49
N ARG A 258 5.60 -1.26 -15.45
CA ARG A 258 6.97 -1.66 -15.74
C ARG A 258 7.67 -2.19 -14.49
N ASP A 259 7.50 -1.54 -13.34
CA ASP A 259 8.36 -1.81 -12.20
C ASP A 259 7.75 -2.74 -11.17
N CYS A 260 6.45 -2.92 -11.11
CA CYS A 260 5.89 -3.96 -10.24
C CYS A 260 4.65 -4.57 -10.87
N PRO A 261 4.79 -5.13 -12.08
CA PRO A 261 3.59 -5.68 -12.73
C PRO A 261 2.95 -6.84 -11.97
N GLU A 262 3.77 -7.68 -11.31
CA GLU A 262 3.19 -8.77 -10.51
C GLU A 262 2.33 -8.21 -9.38
N ALA A 263 2.78 -7.09 -8.76
CA ALA A 263 2.00 -6.50 -7.69
C ALA A 263 0.68 -5.94 -8.20
N ILE A 264 0.63 -5.46 -9.46
CA ILE A 264 -0.63 -4.92 -9.96
C ILE A 264 -1.58 -6.04 -10.32
N ALA A 265 -1.06 -7.12 -10.91
CA ALA A 265 -1.89 -8.30 -11.10
C ALA A 265 -2.47 -8.76 -9.77
N ARG A 266 -1.64 -8.81 -8.72
CA ARG A 266 -2.14 -9.17 -7.41
C ARG A 266 -3.20 -8.17 -6.93
N ALA A 267 -2.99 -6.89 -7.17
CA ALA A 267 -3.99 -5.88 -6.80
C ALA A 267 -5.34 -6.16 -7.45
N VAL A 268 -5.34 -6.53 -8.73
CA VAL A 268 -6.58 -6.89 -9.40
C VAL A 268 -7.22 -8.11 -8.73
N GLY A 269 -6.40 -9.13 -8.41
CA GLY A 269 -6.94 -10.29 -7.70
C GLY A 269 -7.57 -9.91 -6.38
N SER A 270 -6.94 -8.96 -5.67
CA SER A 270 -7.44 -8.53 -4.36
C SER A 270 -8.75 -7.79 -4.51
N VAL A 271 -8.83 -6.90 -5.50
CA VAL A 271 -10.09 -6.25 -5.80
C VAL A 271 -11.19 -7.27 -6.02
N TRP A 272 -10.93 -8.24 -6.90
CA TRP A 272 -11.93 -9.28 -7.16
C TRP A 272 -12.36 -9.92 -5.84
N GLU A 273 -11.39 -10.28 -5.00
CA GLU A 273 -11.73 -10.84 -3.70
C GLU A 273 -12.67 -9.93 -2.92
N HIS A 274 -12.42 -8.62 -2.97
CA HIS A 274 -13.24 -7.67 -2.20
C HIS A 274 -14.65 -7.55 -2.77
N VAL A 275 -14.81 -7.65 -4.08
CA VAL A 275 -16.12 -7.45 -4.71
C VAL A 275 -16.77 -8.76 -5.14
N SER A 276 -16.20 -9.90 -4.78
CA SER A 276 -16.71 -11.17 -5.27
C SER A 276 -18.10 -11.50 -4.74
N CYS A 277 -18.58 -10.80 -3.71
CA CYS A 277 -19.89 -11.11 -3.13
C CYS A 277 -20.79 -9.88 -3.15
N GLU B 24 21.04 2.85 30.40
CA GLU B 24 21.32 1.60 31.10
C GLU B 24 20.12 1.19 31.93
N SER B 25 19.71 2.07 32.86
CA SER B 25 18.46 1.88 33.58
C SER B 25 17.24 2.24 32.73
N SER B 26 17.45 2.80 31.55
CA SER B 26 16.34 3.13 30.68
C SER B 26 15.87 1.91 29.90
N SER B 27 14.57 1.89 29.60
CA SER B 27 13.98 0.87 28.73
C SER B 27 14.14 1.22 27.26
N ILE B 28 14.71 2.39 26.94
CA ILE B 28 14.87 2.80 25.55
C ILE B 28 16.28 3.33 25.33
N VAL B 29 16.69 3.37 24.07
CA VAL B 29 18.01 3.83 23.67
C VAL B 29 17.84 4.70 22.44
N LEU B 30 18.37 5.92 22.51
CA LEU B 30 18.38 6.83 21.38
C LEU B 30 19.33 6.29 20.32
N MET B 31 18.79 6.06 19.12
CA MET B 31 19.56 5.50 18.02
C MET B 31 19.74 6.45 16.84
N ALA B 32 18.89 7.45 16.72
CA ALA B 32 19.17 8.43 15.66
C ALA B 32 18.51 9.76 16.01
N GLY B 33 19.08 10.82 15.47
CA GLY B 33 18.53 12.13 15.72
C GLY B 33 18.87 12.63 17.11
N ASP B 34 18.22 13.71 17.45
CA ASP B 34 18.42 14.42 18.70
C ASP B 34 17.10 15.01 19.13
N PRO B 35 16.50 14.54 20.23
CA PRO B 35 15.19 15.10 20.63
C PRO B 35 15.24 16.58 20.97
N ALA B 36 16.42 17.15 21.18
CA ALA B 36 16.50 18.58 21.44
C ALA B 36 16.21 19.40 20.20
N THR B 37 16.37 18.82 19.01
CA THR B 37 16.16 19.53 17.74
C THR B 37 15.14 18.86 16.85
N ALA B 38 14.70 17.65 17.17
CA ALA B 38 13.79 16.93 16.30
C ALA B 38 12.40 17.55 16.32
N LYS B 39 11.61 17.25 15.30
CA LYS B 39 10.20 17.63 15.27
C LYS B 39 9.29 16.49 15.72
N ALA B 40 9.78 15.26 15.71
CA ALA B 40 8.96 14.11 16.11
C ALA B 40 9.91 13.01 16.59
N VAL B 41 9.33 11.98 17.18
CA VAL B 41 10.10 10.85 17.68
C VAL B 41 9.39 9.57 17.26
N VAL B 42 10.18 8.54 17.02
CA VAL B 42 9.64 7.23 16.70
C VAL B 42 10.25 6.22 17.67
N VAL B 43 9.40 5.39 18.26
CA VAL B 43 9.85 4.42 19.27
C VAL B 43 9.59 3.05 18.67
N CYS B 44 10.62 2.17 18.72
CA CYS B 44 10.68 1.02 17.83
C CYS B 44 10.80 -0.28 18.60
N VAL B 45 9.87 -1.21 18.35
CA VAL B 45 9.89 -2.54 18.96
C VAL B 45 10.29 -3.58 17.92
N ALA B 46 11.33 -4.35 18.24
CA ALA B 46 11.93 -5.32 17.36
C ALA B 46 11.11 -6.60 17.17
N ASN B 47 11.50 -7.32 16.13
CA ASN B 47 11.01 -8.63 15.81
C ASN B 47 11.35 -9.63 16.92
N ALA B 48 10.77 -10.82 16.80
CA ALA B 48 10.98 -11.90 17.76
C ALA B 48 12.48 -12.20 17.90
N ALA B 49 12.92 -12.32 19.16
CA ALA B 49 14.27 -12.60 19.54
C ALA B 49 15.21 -11.42 19.25
N GLY B 50 14.69 -10.27 18.79
CA GLY B 50 15.52 -9.13 18.44
C GLY B 50 15.63 -8.12 19.56
N GLY B 51 16.11 -6.94 19.18
CA GLY B 51 16.22 -5.83 20.10
C GLY B 51 16.71 -4.63 19.31
N PRO B 52 17.17 -3.57 19.98
CA PRO B 52 17.62 -2.37 19.25
C PRO B 52 18.65 -2.67 18.15
N VAL B 53 19.46 -3.72 18.32
CA VAL B 53 20.47 -4.01 17.31
C VAL B 53 19.82 -4.17 15.92
N ASN B 54 18.62 -4.78 15.86
CA ASN B 54 17.97 -5.02 14.58
C ASN B 54 17.56 -3.74 13.87
N PHE B 55 17.60 -2.61 14.56
CA PHE B 55 17.24 -1.32 13.97
C PHE B 55 18.45 -0.52 13.53
N VAL B 56 19.66 -1.04 13.71
CA VAL B 56 20.85 -0.23 13.41
C VAL B 56 20.76 0.33 11.98
N ASP B 57 20.60 -0.56 11.01
CA ASP B 57 20.63 -0.11 9.62
C ASP B 57 19.56 0.94 9.39
N MET B 58 18.36 0.69 9.91
CA MET B 58 17.28 1.64 9.75
C MET B 58 17.67 2.97 10.37
N SER B 59 18.28 2.93 11.57
CA SER B 59 18.65 4.19 12.22
C SER B 59 19.65 4.94 11.36
N ARG B 60 20.53 4.22 10.66
CA ARG B 60 21.55 4.88 9.84
C ARG B 60 20.92 5.57 8.63
N ALA B 61 19.74 5.17 8.22
CA ALA B 61 19.06 5.85 7.13
C ALA B 61 18.22 7.03 7.60
N MET B 62 17.93 7.13 8.92
CA MET B 62 16.99 8.15 9.37
C MET B 62 17.44 9.57 9.03
N PRO B 63 18.71 9.94 9.19
CA PRO B 63 19.10 11.33 8.87
C PRO B 63 18.83 11.74 7.42
N GLU B 64 18.89 10.78 6.48
CA GLU B 64 18.64 11.02 5.07
C GLU B 64 17.15 10.88 4.73
N GLN B 65 16.47 9.86 5.28
CA GLN B 65 15.08 9.55 4.89
C GLN B 65 14.02 10.18 5.80
N ALA B 66 14.37 10.60 7.02
CA ALA B 66 13.42 11.08 8.01
C ALA B 66 14.13 12.05 8.95
N SER B 67 14.62 13.14 8.36
CA SER B 67 15.58 14.02 9.00
C SER B 67 15.07 14.60 10.32
N ASP B 68 13.78 14.90 10.41
CA ASP B 68 13.25 15.60 11.57
C ASP B 68 12.81 14.64 12.68
N VAL B 69 13.04 13.34 12.54
CA VAL B 69 12.47 12.35 13.43
C VAL B 69 13.60 11.66 14.21
N ALA B 70 13.60 11.86 15.53
CA ALA B 70 14.52 11.14 16.39
C ALA B 70 13.99 9.72 16.61
N MET B 71 14.90 8.79 16.88
CA MET B 71 14.57 7.38 16.87
C MET B 71 15.09 6.72 18.13
N PHE B 72 14.19 6.06 18.85
CA PHE B 72 14.49 5.29 20.04
C PHE B 72 14.18 3.81 19.78
N GLY B 73 15.06 2.93 20.26
CA GLY B 73 14.79 1.49 20.25
C GLY B 73 14.39 1.00 21.63
N VAL B 74 13.42 0.09 21.67
CA VAL B 74 12.94 -0.48 22.92
C VAL B 74 13.82 -1.69 23.27
N LYS B 75 14.35 -1.68 24.47
CA LYS B 75 15.10 -2.83 24.99
C LYS B 75 14.14 -3.88 25.53
N LEU B 76 14.35 -5.14 25.15
CA LEU B 76 13.47 -6.21 25.59
C LEU B 76 14.15 -7.02 26.70
N PRO B 77 13.78 -6.84 27.97
CA PRO B 77 14.48 -7.54 29.06
C PRO B 77 14.10 -8.99 29.22
N ARG B 78 12.94 -9.41 28.70
CA ARG B 78 12.50 -10.80 28.81
C ARG B 78 12.47 -11.28 30.27
N THR B 79 11.80 -10.47 31.09
CA THR B 79 11.67 -10.74 32.50
C THR B 79 11.05 -12.11 32.73
N GLU B 80 11.67 -12.89 33.61
CA GLU B 80 11.12 -14.21 33.91
C GLU B 80 9.78 -14.07 34.62
N VAL B 81 8.80 -14.85 34.16
CA VAL B 81 7.46 -14.86 34.76
C VAL B 81 6.97 -16.30 34.80
N ASP B 82 6.02 -16.57 35.70
CA ASP B 82 5.64 -17.94 36.02
C ASP B 82 4.21 -18.31 35.65
N SER B 83 3.49 -17.46 34.95
CA SER B 83 2.15 -17.78 34.50
C SER B 83 1.77 -16.79 33.40
N ASP B 84 0.69 -17.11 32.68
CA ASP B 84 0.17 -16.19 31.67
C ASP B 84 -0.27 -14.89 32.32
N GLY B 85 -0.90 -14.96 33.49
CA GLY B 85 -1.30 -13.75 34.19
C GLY B 85 -0.12 -12.87 34.53
N ALA B 86 0.97 -13.48 35.02
CA ALA B 86 2.16 -12.71 35.32
C ALA B 86 2.77 -12.14 34.03
N MET B 87 2.67 -12.85 32.91
CA MET B 87 3.16 -12.31 31.64
C MET B 87 2.39 -11.07 31.23
N LEU B 88 1.06 -11.11 31.38
CA LEU B 88 0.26 -9.94 31.04
C LEU B 88 0.63 -8.76 31.95
N GLU B 89 0.82 -9.03 33.24
CA GLU B 89 1.33 -8.02 34.15
C GLU B 89 2.67 -7.46 33.64
N GLU B 90 3.54 -8.32 33.12
CA GLU B 90 4.85 -7.87 32.64
C GLU B 90 4.71 -7.01 31.40
N VAL B 91 3.76 -7.33 30.52
CA VAL B 91 3.49 -6.46 29.37
C VAL B 91 3.08 -5.08 29.85
N ARG B 92 2.21 -5.02 30.86
CA ARG B 92 1.80 -3.72 31.41
C ARG B 92 2.99 -2.98 32.01
N ARG B 93 3.80 -3.69 32.82
CA ARG B 93 4.97 -3.05 33.42
C ARG B 93 5.90 -2.48 32.34
N LEU B 94 6.18 -3.28 31.32
CA LEU B 94 7.17 -2.90 30.33
C LEU B 94 6.64 -1.77 29.44
N SER B 95 5.39 -1.85 28.99
CA SER B 95 4.84 -0.74 28.21
C SER B 95 4.82 0.53 29.05
N ASN B 96 4.46 0.43 30.33
CA ASN B 96 4.46 1.63 31.18
C ASN B 96 5.88 2.16 31.37
N ALA B 97 6.87 1.27 31.48
CA ALA B 97 8.24 1.73 31.61
C ALA B 97 8.69 2.46 30.35
N VAL B 98 8.34 1.92 29.18
CA VAL B 98 8.72 2.55 27.93
C VAL B 98 8.06 3.93 27.81
N CYS B 99 6.75 4.00 28.14
CA CYS B 99 6.09 5.30 28.13
C CYS B 99 6.70 6.27 29.16
N ASP B 100 7.02 5.76 30.36
CA ASP B 100 7.67 6.59 31.37
C ASP B 100 8.94 7.20 30.82
N ASP B 101 9.84 6.35 30.26
CA ASP B 101 11.13 6.84 29.80
C ASP B 101 11.00 7.74 28.59
N LEU B 102 10.09 7.39 27.67
CA LEU B 102 9.90 8.20 26.46
C LEU B 102 9.40 9.59 26.83
N LEU B 103 8.37 9.65 27.69
CA LEU B 103 7.81 10.95 28.05
C LEU B 103 8.75 11.74 28.95
N ALA B 104 9.61 11.03 29.72
CA ALA B 104 10.65 11.75 30.46
C ALA B 104 11.64 12.40 29.51
N ALA B 105 11.87 11.79 28.34
CA ALA B 105 12.86 12.32 27.40
C ALA B 105 12.29 13.42 26.53
N THR B 106 11.02 13.30 26.12
CA THR B 106 10.48 14.23 25.15
C THR B 106 8.97 14.25 25.20
N ASP B 107 8.41 15.42 24.88
CA ASP B 107 6.99 15.59 24.61
C ASP B 107 6.67 15.69 23.11
N LEU B 108 7.66 15.51 22.24
CA LEU B 108 7.45 15.65 20.82
C LEU B 108 6.40 14.67 20.33
N PRO B 109 5.75 14.96 19.20
CA PRO B 109 4.79 14.00 18.63
C PRO B 109 5.48 12.66 18.38
N ALA B 110 4.78 11.58 18.68
CA ALA B 110 5.37 10.26 18.66
C ALA B 110 4.70 9.35 17.63
N ILE B 111 5.55 8.58 16.95
CA ILE B 111 5.16 7.45 16.10
C ILE B 111 5.64 6.18 16.77
N VAL B 112 4.79 5.16 16.84
CA VAL B 112 5.16 3.86 17.37
C VAL B 112 5.34 2.89 16.20
N PHE B 113 6.49 2.23 16.15
CA PHE B 113 6.83 1.29 15.10
C PHE B 113 7.09 -0.09 15.70
N ALA B 114 6.62 -1.13 15.01
CA ALA B 114 6.93 -2.49 15.43
C ALA B 114 7.14 -3.40 14.24
N GLN B 115 8.03 -4.36 14.36
CA GLN B 115 8.19 -5.41 13.38
C GLN B 115 7.72 -6.74 13.97
N CYS B 116 6.91 -7.45 13.17
CA CYS B 116 6.43 -8.81 13.53
CA CYS B 116 6.34 -8.78 13.50
C CYS B 116 5.95 -8.86 14.97
N ASN B 117 6.47 -9.79 15.79
CA ASN B 117 5.99 -10.04 17.15
C ASN B 117 6.05 -8.82 18.06
N GLY B 118 6.95 -7.89 17.75
CA GLY B 118 7.00 -6.61 18.48
C GLY B 118 5.70 -5.85 18.43
N SER B 119 4.81 -6.24 17.52
CA SER B 119 3.52 -5.57 17.44
C SER B 119 2.78 -5.64 18.77
N ALA B 120 2.94 -6.75 19.51
CA ALA B 120 2.21 -6.85 20.74
C ALA B 120 2.58 -5.69 21.66
N LEU B 121 3.88 -5.56 21.97
CA LEU B 121 4.26 -4.51 22.90
C LEU B 121 3.94 -3.14 22.31
N ALA B 122 4.04 -3.02 20.98
CA ALA B 122 3.75 -1.72 20.37
C ALA B 122 2.29 -1.36 20.60
N LEU B 123 1.39 -2.32 20.46
CA LEU B 123 -0.01 -2.02 20.73
C LEU B 123 -0.19 -1.56 22.18
N ALA B 124 0.47 -2.25 23.11
CA ALA B 124 0.30 -1.86 24.51
C ALA B 124 0.82 -0.44 24.71
N ILE B 125 1.99 -0.17 24.13
CA ILE B 125 2.56 1.16 24.25
C ILE B 125 1.63 2.20 23.64
N THR B 126 1.12 1.92 22.44
CA THR B 126 0.27 2.91 21.81
C THR B 126 -0.93 3.22 22.68
N ARG B 127 -1.58 2.16 23.19
CA ARG B 127 -2.79 2.38 23.96
C ARG B 127 -2.49 3.15 25.24
N GLU B 128 -1.35 2.85 25.86
CA GLU B 128 -1.00 3.55 27.09
C GLU B 128 -0.68 5.01 26.78
N LEU B 129 0.00 5.27 25.67
CA LEU B 129 0.25 6.66 25.32
C LEU B 129 -1.07 7.39 25.11
N VAL B 130 -2.06 6.71 24.52
CA VAL B 130 -3.34 7.35 24.34
C VAL B 130 -3.99 7.59 25.69
N ARG B 131 -3.87 6.62 26.60
CA ARG B 131 -4.51 6.75 27.90
C ARG B 131 -3.96 7.95 28.68
N ARG B 132 -2.67 8.27 28.48
CA ARG B 132 -2.02 9.39 29.16
C ARG B 132 -2.25 10.72 28.43
N SER B 133 -3.03 10.71 27.37
CA SER B 133 -3.24 11.89 26.56
C SER B 133 -1.92 12.42 26.01
N ALA B 134 -0.97 11.51 25.75
CA ALA B 134 0.28 11.87 25.08
C ALA B 134 0.03 12.19 23.62
N ASP B 135 0.99 12.88 23.01
CA ASP B 135 0.88 13.28 21.60
C ASP B 135 1.44 12.18 20.71
N VAL B 136 0.72 11.07 20.68
CA VAL B 136 1.02 9.95 19.80
C VAL B 136 0.13 10.08 18.58
N ARG B 137 0.74 9.95 17.38
CA ARG B 137 0.03 10.28 16.15
C ARG B 137 -0.03 9.18 15.11
N ALA B 138 0.71 8.09 15.28
CA ALA B 138 0.67 7.03 14.27
C ALA B 138 1.20 5.73 14.85
N LEU B 139 0.70 4.64 14.29
CA LEU B 139 1.19 3.30 14.60
C LEU B 139 1.57 2.66 13.27
N CYS B 140 2.81 2.21 13.15
CA CYS B 140 3.33 1.56 11.97
C CYS B 140 3.75 0.15 12.35
N ILE B 141 3.21 -0.84 11.65
CA ILE B 141 3.43 -2.25 11.98
C ILE B 141 3.90 -2.96 10.72
N GLY B 142 5.09 -3.55 10.78
CA GLY B 142 5.62 -4.35 9.68
C GLY B 142 5.48 -5.86 9.91
N GLY B 143 5.12 -6.54 8.83
CA GLY B 143 5.12 -7.98 8.84
C GLY B 143 4.20 -8.62 9.86
N ALA B 144 3.04 -8.00 10.12
CA ALA B 144 2.09 -8.57 11.08
C ALA B 144 0.66 -8.16 10.75
N LEU B 145 -0.27 -9.03 11.13
CA LEU B 145 -1.69 -8.79 11.03
C LEU B 145 -2.28 -8.90 12.44
N MET B 146 -3.39 -8.21 12.64
CA MET B 146 -4.11 -8.28 13.90
C MET B 146 -4.58 -9.72 14.15
N ARG B 147 -4.45 -10.15 15.40
CA ARG B 147 -4.92 -11.47 15.81
C ARG B 147 -6.32 -11.31 16.35
N THR B 148 -7.24 -12.09 15.81
CA THR B 148 -8.64 -12.02 16.21
C THR B 148 -9.16 -13.33 16.78
N VAL B 149 -8.30 -14.33 16.95
CA VAL B 149 -8.65 -15.63 17.52
C VAL B 149 -7.59 -15.96 18.55
N THR B 150 -8.00 -16.68 19.60
CA THR B 150 -7.03 -17.14 20.59
C THR B 150 -5.98 -18.00 19.92
N GLY B 151 -4.71 -17.80 20.30
CA GLY B 151 -3.63 -18.48 19.64
C GLY B 151 -3.31 -19.85 20.29
N LYS B 152 -2.40 -20.56 19.62
CA LYS B 152 -1.93 -21.87 20.08
C LYS B 152 -0.53 -21.69 20.66
N ARG B 153 -0.28 -22.28 21.81
CA ARG B 153 1.09 -22.27 22.33
C ARG B 153 2.02 -22.99 21.36
N ASP B 154 3.30 -22.66 21.43
CA ASP B 154 4.33 -23.24 20.59
C ASP B 154 4.93 -24.45 21.28
N THR B 155 4.64 -25.64 20.77
CA THR B 155 5.24 -26.88 21.30
C THR B 155 6.24 -27.49 20.32
N ARG B 156 6.65 -26.75 19.29
CA ARG B 156 7.66 -27.26 18.38
C ARG B 156 8.96 -27.52 19.12
N THR B 157 9.77 -28.43 18.56
CA THR B 157 11.15 -28.54 18.99
C THR B 157 11.96 -27.38 18.42
N ASP B 158 13.19 -27.24 18.94
CA ASP B 158 14.06 -26.18 18.44
C ASP B 158 14.39 -26.41 16.98
N ASP B 159 14.68 -27.65 16.60
CA ASP B 159 14.97 -27.95 15.18
C ASP B 159 13.80 -27.55 14.27
N GLU B 160 12.56 -27.78 14.73
CA GLU B 160 11.37 -27.40 13.97
C GLU B 160 11.26 -25.89 13.84
N ILE B 161 11.53 -25.16 14.93
CA ILE B 161 11.53 -23.71 14.85
C ILE B 161 12.58 -23.23 13.85
N LEU B 162 13.79 -23.80 13.92
CA LEU B 162 14.87 -23.37 13.05
C LEU B 162 14.58 -23.68 11.59
N ALA B 163 13.98 -24.83 11.31
CA ALA B 163 13.60 -25.15 9.93
C ALA B 163 12.55 -24.18 9.42
N PHE B 164 11.53 -23.89 10.25
CA PHE B 164 10.51 -22.94 9.87
C PHE B 164 11.12 -21.57 9.58
N LEU B 165 11.99 -21.09 10.46
CA LEU B 165 12.59 -19.78 10.27
C LEU B 165 13.52 -19.75 9.07
N GLY B 166 14.25 -20.86 8.84
CA GLY B 166 15.08 -20.94 7.65
C GLY B 166 14.25 -20.84 6.38
N LYS B 167 13.12 -21.56 6.33
CA LYS B 167 12.28 -21.45 5.15
C LYS B 167 11.75 -20.04 4.97
N ALA B 168 11.42 -19.38 6.06
CA ALA B 168 10.92 -18.01 5.98
C ALA B 168 11.99 -17.02 5.54
N GLY B 169 13.24 -17.44 5.46
CA GLY B 169 14.32 -16.58 5.05
C GLY B 169 15.02 -15.88 6.20
N SER B 170 14.79 -16.34 7.42
CA SER B 170 15.34 -15.66 8.59
C SER B 170 16.86 -15.81 8.63
N THR B 171 17.52 -14.80 9.19
CA THR B 171 18.88 -14.94 9.64
C THR B 171 18.85 -15.73 10.95
N LEU B 172 19.75 -16.69 11.08
CA LEU B 172 19.78 -17.49 12.29
C LEU B 172 21.23 -17.54 12.75
N PRO B 173 21.48 -17.38 14.05
CA PRO B 173 22.87 -17.39 14.53
C PRO B 173 23.48 -18.77 14.34
N ALA B 174 24.79 -18.76 14.10
CA ALA B 174 25.57 -19.98 13.95
C ALA B 174 26.27 -20.39 15.23
N GLN B 175 26.69 -19.46 16.07
CA GLN B 175 27.39 -19.81 17.31
C GLN B 175 26.42 -20.59 18.21
N PRO B 176 26.80 -21.76 18.72
CA PRO B 176 25.83 -22.54 19.51
C PRO B 176 25.27 -21.77 20.70
N ASP B 177 26.11 -21.03 21.44
CA ASP B 177 25.62 -20.21 22.54
C ASP B 177 24.61 -19.17 22.06
N GLU B 178 24.96 -18.41 21.00
CA GLU B 178 24.06 -17.41 20.49
C GLU B 178 22.76 -18.04 19.98
N GLN B 179 22.85 -19.21 19.34
CA GLN B 179 21.64 -19.90 18.90
C GLN B 179 20.76 -20.27 20.09
N ALA B 180 21.38 -20.66 21.20
CA ALA B 180 20.59 -21.00 22.39
C ALA B 180 19.88 -19.79 22.94
N PHE B 181 20.62 -18.65 23.02
CA PHE B 181 20.01 -17.41 23.48
C PHE B 181 18.89 -17.01 22.53
N PHE B 182 19.13 -17.16 21.22
CA PHE B 182 18.11 -16.84 20.22
C PHE B 182 16.83 -17.66 20.44
N LEU B 183 16.96 -18.98 20.60
CA LEU B 183 15.79 -19.83 20.78
C LEU B 183 15.06 -19.48 22.08
N HIS B 184 15.81 -19.24 23.16
CA HIS B 184 15.18 -18.79 24.39
C HIS B 184 14.36 -17.52 24.15
N ASP B 185 14.98 -16.51 23.50
CA ASP B 185 14.31 -15.22 23.33
C ASP B 185 13.13 -15.33 22.37
N PHE B 186 13.29 -16.16 21.35
CA PHE B 186 12.21 -16.36 20.39
C PHE B 186 10.97 -16.95 21.06
N ARG B 187 11.18 -18.02 21.84
CA ARG B 187 10.06 -18.63 22.55
C ARG B 187 9.44 -17.66 23.53
N TYR B 188 10.28 -16.89 24.25
CA TYR B 188 9.74 -15.91 25.18
C TYR B 188 8.87 -14.88 24.49
N ASP B 189 9.37 -14.31 23.38
CA ASP B 189 8.63 -13.27 22.67
C ASP B 189 7.31 -13.79 22.10
N GLY B 190 7.31 -15.01 21.55
CA GLY B 190 6.07 -15.58 21.06
C GLY B 190 5.04 -15.82 22.16
N TRP B 191 5.53 -16.23 23.34
CA TRP B 191 4.65 -16.35 24.51
C TRP B 191 4.07 -15.01 24.92
N LEU B 192 4.93 -14.01 25.06
CA LEU B 192 4.45 -12.67 25.41
C LEU B 192 3.37 -12.20 24.44
N ALA B 193 3.66 -12.31 23.12
CA ALA B 193 2.71 -11.83 22.12
C ALA B 193 1.41 -12.62 22.13
N ASP B 194 1.50 -13.95 22.32
CA ASP B 194 0.28 -14.74 22.44
C ASP B 194 -0.54 -14.31 23.66
N VAL B 195 0.11 -14.10 24.81
CA VAL B 195 -0.65 -13.71 26.00
C VAL B 195 -1.34 -12.38 25.76
N TYR B 196 -0.62 -11.41 25.18
CA TYR B 196 -1.20 -10.10 25.02
C TYR B 196 -2.31 -10.11 23.99
N TYR B 197 -2.10 -10.74 22.83
CA TYR B 197 -3.17 -10.79 21.84
C TYR B 197 -4.36 -11.60 22.35
N ASN B 198 -4.12 -12.69 23.09
CA ASN B 198 -5.24 -13.43 23.67
C ASN B 198 -6.05 -12.52 24.59
N HIS B 199 -5.38 -11.67 25.34
CA HIS B 199 -6.04 -10.69 26.18
C HIS B 199 -6.90 -9.75 25.35
N LEU B 200 -6.36 -9.26 24.24
CA LEU B 200 -7.15 -8.36 23.39
C LEU B 200 -8.35 -9.07 22.79
N VAL B 201 -8.18 -10.35 22.44
CA VAL B 201 -9.30 -11.12 21.93
C VAL B 201 -10.37 -11.29 23.01
N ASP B 202 -9.94 -11.50 24.26
CA ASP B 202 -10.88 -11.52 25.37
C ASP B 202 -11.63 -10.19 25.50
N LEU B 203 -10.88 -9.10 25.50
CA LEU B 203 -11.51 -7.77 25.57
C LEU B 203 -12.54 -7.62 24.47
N MET B 204 -12.14 -7.95 23.23
CA MET B 204 -13.07 -7.80 22.10
C MET B 204 -14.31 -8.66 22.29
N SER B 205 -14.13 -9.86 22.83
CA SER B 205 -15.29 -10.71 23.12
C SER B 205 -16.23 -10.07 24.15
N ARG B 206 -15.72 -9.19 25.01
CA ARG B 206 -16.60 -8.50 25.95
C ARG B 206 -16.98 -7.09 25.51
N GLY B 207 -16.64 -6.69 24.29
CA GLY B 207 -16.90 -5.32 23.86
C GLY B 207 -16.09 -4.29 24.62
N ALA B 208 -14.91 -4.67 25.08
CA ALA B 208 -14.12 -3.85 25.99
C ALA B 208 -12.85 -3.32 25.36
N LEU B 209 -12.59 -3.62 24.09
CA LEU B 209 -11.43 -3.11 23.37
C LEU B 209 -11.87 -1.89 22.57
N GLU B 210 -11.54 -0.70 23.05
CA GLU B 210 -11.88 0.53 22.35
C GLU B 210 -10.86 0.79 21.24
N VAL B 211 -11.35 1.19 20.08
CA VAL B 211 -10.48 1.69 19.03
C VAL B 211 -9.92 3.03 19.49
N VAL B 212 -8.65 3.29 19.22
CA VAL B 212 -8.08 4.60 19.49
C VAL B 212 -7.98 5.35 18.16
N ASP B 213 -8.11 6.68 18.25
CA ASP B 213 -8.11 7.53 17.05
C ASP B 213 -6.66 7.85 16.63
N ILE B 214 -5.96 6.78 16.24
CA ILE B 214 -4.59 6.87 15.76
C ILE B 214 -4.53 6.14 14.43
N PRO B 215 -4.08 6.79 13.34
CA PRO B 215 -3.95 6.06 12.07
C PRO B 215 -2.90 4.95 12.16
N VAL B 216 -3.13 3.89 11.40
CA VAL B 216 -2.29 2.70 11.41
C VAL B 216 -1.82 2.43 9.99
N TRP B 217 -0.52 2.15 9.86
CA TRP B 217 0.07 1.73 8.61
C TRP B 217 0.50 0.28 8.77
N CYS B 218 0.18 -0.55 7.80
CA CYS B 218 0.55 -1.95 7.77
C CYS B 218 1.52 -2.14 6.61
N LEU B 219 2.78 -2.43 6.94
CA LEU B 219 3.86 -2.56 5.96
C LEU B 219 4.13 -4.03 5.77
N VAL B 220 4.02 -4.51 4.54
CA VAL B 220 4.10 -5.94 4.26
C VAL B 220 4.93 -6.19 3.01
N GLY B 221 5.90 -7.10 3.10
CA GLY B 221 6.58 -7.58 1.92
C GLY B 221 5.67 -8.50 1.13
N SER B 222 5.61 -8.32 -0.19
CA SER B 222 4.68 -9.10 -0.99
C SER B 222 4.97 -10.59 -0.94
N GLU B 223 6.22 -10.97 -0.62
CA GLU B 223 6.61 -12.37 -0.53
C GLU B 223 6.68 -12.85 0.91
N ASP B 224 6.15 -12.08 1.86
CA ASP B 224 6.17 -12.48 3.25
C ASP B 224 5.25 -13.68 3.45
N PRO B 225 5.76 -14.86 3.82
CA PRO B 225 4.88 -16.03 3.93
C PRO B 225 4.12 -16.11 5.24
N LEU B 226 4.35 -15.20 6.17
CA LEU B 226 3.75 -15.23 7.48
C LEU B 226 2.53 -14.33 7.62
N VAL B 227 2.13 -13.62 6.56
CA VAL B 227 0.93 -12.78 6.62
C VAL B 227 -0.03 -13.22 5.51
N PRO B 228 -0.61 -14.42 5.59
CA PRO B 228 -1.48 -14.89 4.52
C PRO B 228 -2.70 -13.99 4.36
N ASN B 229 -3.04 -13.70 3.11
CA ASN B 229 -4.24 -12.93 2.78
C ASN B 229 -4.21 -11.53 3.37
N TYR B 230 -3.02 -10.95 3.53
CA TYR B 230 -2.90 -9.58 4.00
C TYR B 230 -3.71 -8.59 3.16
N PRO B 231 -3.92 -8.79 1.85
CA PRO B 231 -4.71 -7.80 1.10
C PRO B 231 -6.12 -7.63 1.64
N VAL B 232 -6.66 -8.65 2.31
CA VAL B 232 -7.94 -8.53 3.01
C VAL B 232 -7.73 -8.31 4.49
N ARG B 233 -6.82 -9.09 5.10
CA ARG B 233 -6.74 -9.13 6.55
C ARG B 233 -6.07 -7.92 7.16
N PHE B 234 -5.32 -7.11 6.38
CA PHE B 234 -4.67 -5.95 6.98
C PHE B 234 -5.70 -5.04 7.64
N GLN B 235 -6.92 -5.03 7.11
CA GLN B 235 -7.97 -4.15 7.63
C GLN B 235 -8.36 -4.53 9.05
N ASP B 236 -8.01 -5.74 9.49
CA ASP B 236 -8.29 -6.12 10.87
C ASP B 236 -7.55 -5.24 11.89
N TRP B 237 -6.54 -4.48 11.46
CA TRP B 237 -5.95 -3.50 12.36
C TRP B 237 -6.92 -2.40 12.77
N SER B 238 -8.07 -2.28 12.09
CA SER B 238 -9.09 -1.31 12.53
C SER B 238 -9.76 -1.72 13.86
N HIS B 239 -9.45 -2.90 14.39
CA HIS B 239 -9.80 -3.17 15.79
C HIS B 239 -8.99 -2.31 16.77
N ILE B 240 -7.85 -1.78 16.32
CA ILE B 240 -6.95 -1.04 17.17
C ILE B 240 -7.05 0.46 16.90
N GLY B 241 -6.97 0.86 15.63
CA GLY B 241 -6.98 2.27 15.26
C GLY B 241 -7.56 2.43 13.86
N ARG B 242 -7.69 3.69 13.44
CA ARG B 242 -8.25 4.01 12.14
C ARG B 242 -7.74 5.37 11.69
N PRO B 243 -7.65 5.63 10.38
CA PRO B 243 -7.84 4.65 9.30
C PRO B 243 -6.63 3.75 9.20
N VAL B 244 -6.72 2.70 8.40
CA VAL B 244 -5.64 1.75 8.21
C VAL B 244 -5.14 1.88 6.78
N GLN B 245 -3.82 1.96 6.62
CA GLN B 245 -3.19 2.09 5.31
C GLN B 245 -2.34 0.87 5.01
N LEU B 246 -2.54 0.30 3.83
CA LEU B 246 -1.72 -0.82 3.39
C LEU B 246 -0.58 -0.28 2.52
N VAL B 247 0.65 -0.74 2.83
CA VAL B 247 1.83 -0.43 2.06
C VAL B 247 2.47 -1.76 1.71
N GLU B 248 2.55 -2.05 0.42
CA GLU B 248 3.14 -3.30 -0.04
C GLU B 248 4.59 -3.05 -0.44
N TYR B 249 5.47 -3.93 0.00
CA TYR B 249 6.89 -3.86 -0.39
C TYR B 249 7.12 -5.02 -1.36
N ALA B 250 7.00 -4.72 -2.66
CA ALA B 250 7.01 -5.76 -3.68
C ALA B 250 8.36 -6.46 -3.74
N GLY B 251 8.32 -7.78 -3.82
CA GLY B 251 9.54 -8.56 -3.95
C GLY B 251 10.31 -8.76 -2.64
N ILE B 252 9.79 -8.28 -1.51
CA ILE B 252 10.48 -8.40 -0.24
C ILE B 252 9.72 -9.38 0.63
N GLY B 253 10.45 -10.12 1.45
CA GLY B 253 9.87 -11.07 2.36
C GLY B 253 9.48 -10.49 3.70
N HIS B 254 9.61 -11.32 4.74
CA HIS B 254 9.16 -10.96 6.08
C HIS B 254 10.12 -10.02 6.80
N TYR B 255 11.39 -9.99 6.40
CA TYR B 255 12.43 -9.35 7.22
C TYR B 255 12.76 -7.97 6.67
N LEU B 256 11.80 -7.05 6.89
CA LEU B 256 11.85 -5.73 6.30
C LEU B 256 13.02 -4.92 6.84
N LEU B 257 13.33 -5.07 8.16
CA LEU B 257 14.41 -4.30 8.76
C LEU B 257 15.78 -4.72 8.27
N ARG B 258 15.89 -5.97 7.81
CA ARG B 258 17.11 -6.47 7.23
C ARG B 258 17.21 -6.18 5.76
N ASP B 259 16.12 -6.32 5.01
CA ASP B 259 16.18 -6.29 3.55
C ASP B 259 15.81 -4.94 2.91
N CYS B 260 15.06 -4.08 3.58
CA CYS B 260 14.85 -2.74 3.02
C CYS B 260 14.78 -1.71 4.15
N PRO B 261 15.80 -1.65 5.01
CA PRO B 261 15.74 -0.72 6.15
C PRO B 261 15.69 0.74 5.76
N GLU B 262 16.35 1.13 4.65
CA GLU B 262 16.23 2.51 4.17
C GLU B 262 14.79 2.85 3.80
N ALA B 263 14.09 1.92 3.16
CA ALA B 263 12.68 2.15 2.81
C ALA B 263 11.78 2.22 4.04
N ILE B 264 12.12 1.51 5.13
CA ILE B 264 11.31 1.62 6.36
C ILE B 264 11.58 2.96 7.04
N ALA B 265 12.82 3.42 7.01
CA ALA B 265 13.10 4.79 7.45
C ALA B 265 12.29 5.81 6.65
N ARG B 266 12.27 5.65 5.32
CA ARG B 266 11.48 6.55 4.47
C ARG B 266 9.99 6.50 4.83
N ALA B 267 9.48 5.30 5.09
CA ALA B 267 8.08 5.16 5.51
C ALA B 267 7.79 5.99 6.77
N VAL B 268 8.67 5.86 7.76
CA VAL B 268 8.48 6.66 8.97
C VAL B 268 8.46 8.15 8.65
N GLY B 269 9.41 8.61 7.82
CA GLY B 269 9.44 10.02 7.43
C GLY B 269 8.16 10.46 6.72
N SER B 270 7.62 9.59 5.86
CA SER B 270 6.39 9.91 5.13
C SER B 270 5.17 9.96 6.04
N VAL B 271 5.05 8.97 6.93
CA VAL B 271 4.03 9.00 7.97
C VAL B 271 4.12 10.28 8.79
N TRP B 272 5.32 10.63 9.28
CA TRP B 272 5.46 11.88 10.02
C TRP B 272 4.94 13.06 9.21
N GLU B 273 5.39 13.18 7.95
CA GLU B 273 4.90 14.29 7.13
C GLU B 273 3.39 14.30 7.08
N HIS B 274 2.79 13.13 6.93
CA HIS B 274 1.33 13.05 6.82
C HIS B 274 0.63 13.46 8.11
N VAL B 275 1.21 13.18 9.28
CA VAL B 275 0.53 13.49 10.54
C VAL B 275 1.06 14.77 11.19
N SER B 276 1.99 15.48 10.53
CA SER B 276 2.64 16.64 11.13
C SER B 276 1.75 17.88 11.21
N CYS B 277 0.60 17.89 10.57
CA CYS B 277 -0.23 19.11 10.48
C CYS B 277 0.46 20.17 9.62
N LYS B 278 1.30 19.75 8.67
CA LYS B 278 1.81 20.68 7.67
C LYS B 278 0.70 21.10 6.71
N GLY B 279 -0.30 20.23 6.52
CA GLY B 279 -1.45 20.56 5.70
C GLY B 279 -1.23 20.30 4.22
#